data_3QC3
#
_entry.id   3QC3
#
_cell.length_a   47.665
_cell.length_b   47.665
_cell.length_c   220.774
_cell.angle_alpha   90.000
_cell.angle_beta   90.000
_cell.angle_gamma   90.000
#
_symmetry.space_group_name_H-M   'P 41'
#
loop_
_entity.id
_entity.type
_entity.pdbx_description
1 polymer D-ribulose-5-phosphate-3-epimerase
2 non-polymer 'ZINC ION'
3 non-polymer 'NICKEL (II) ION'
4 non-polymer 'FE (III) ION'
5 non-polymer GLYCEROL
6 water water
#
_entity_poly.entity_id   1
_entity_poly.type   'polypeptide(L)'
_entity_poly.pdbx_seq_one_letter_code
;G(MSE)ASGCKIGPSILNSDLANLGAECLR(MSE)LDSGADYLHLDV(MSE)DGHFVPNITFGHPVVESLRKQLGQDPFF
D(MSE)H(MSE)(MSE)VSKPEQWVKP(MSE)AVAGANQYTFHLEATENPGALIKDIRENG(MSE)KVGLAIKPGTSVEY
LAPWANQID(MSE)ALV(MSE)TVEPGFGGQKF(MSE)ED(MSE)(MSE)PKVHWLRTQFPSLDIEVDGGVGPDTVHKCA
EAGAN(MSE)IVSGSAI(MSE)RSEDPRSVINLLRNVCSEAAQKR
;
_entity_poly.pdbx_strand_id   A,B
#
# COMPACT_ATOMS: atom_id res chain seq x y z
N GLY A 1 -13.89 16.98 32.61
CA GLY A 1 -13.42 17.23 31.26
C GLY A 1 -14.14 16.38 30.24
N ALA A 3 -12.54 14.68 27.68
CA ALA A 3 -11.68 13.68 27.05
C ALA A 3 -12.56 12.45 26.86
N SER A 4 -12.37 11.75 25.75
CA SER A 4 -13.11 10.56 25.54
CA SER A 4 -13.30 10.65 25.34
C SER A 4 -12.54 9.61 26.54
C SER A 4 -13.56 9.35 26.15
N GLY A 5 -13.40 8.76 27.02
N GLY A 5 -12.79 9.01 27.16
CA GLY A 5 -12.96 7.67 27.85
C GLY A 5 -12.33 6.57 26.96
N CYS A 6 -11.39 5.83 27.54
CA CYS A 6 -10.52 4.93 26.83
C CYS A 6 -11.02 4.21 25.57
N LYS A 7 -10.22 4.32 24.50
CA LYS A 7 -10.49 3.68 23.23
C LYS A 7 -9.28 2.89 22.77
N ILE A 8 -9.53 1.68 22.30
CA ILE A 8 -8.47 0.82 21.77
C ILE A 8 -8.61 0.68 20.28
N GLY A 9 -7.54 1.05 19.58
CA GLY A 9 -7.46 1.00 18.14
C GLY A 9 -6.34 0.10 17.63
N PRO A 10 -6.65 -1.16 17.34
CA PRO A 10 -5.63 -2.02 16.82
C PRO A 10 -4.98 -1.55 15.55
N SER A 11 -3.65 -1.71 15.48
CA SER A 11 -2.90 -1.41 14.26
CA SER A 11 -2.89 -1.40 14.27
C SER A 11 -2.81 -2.72 13.51
N ILE A 12 -3.05 -2.68 12.20
CA ILE A 12 -3.15 -3.91 11.45
C ILE A 12 -1.90 -4.34 10.63
N LEU A 13 -0.82 -3.57 10.74
CA LEU A 13 0.34 -3.84 9.89
C LEU A 13 0.94 -5.19 10.13
N ASN A 14 0.84 -5.71 11.37
CA ASN A 14 1.39 -7.03 11.62
CA ASN A 14 1.38 -7.04 11.63
C ASN A 14 0.33 -8.12 11.38
N SER A 15 -0.85 -7.71 10.87
CA SER A 15 -1.91 -8.67 10.51
C SER A 15 -1.63 -9.32 9.15
N ASP A 16 -2.47 -10.28 8.75
CA ASP A 16 -2.33 -10.91 7.44
C ASP A 16 -2.88 -9.92 6.43
N LEU A 17 -2.01 -9.18 5.74
CA LEU A 17 -2.44 -8.15 4.76
C LEU A 17 -3.06 -8.70 3.51
N ALA A 18 -2.94 -10.00 3.31
CA ALA A 18 -3.55 -10.68 2.19
C ALA A 18 -5.01 -11.06 2.51
N ASN A 19 -5.44 -10.74 3.71
CA ASN A 19 -6.80 -11.05 4.17
C ASN A 19 -7.21 -9.95 5.15
N LEU A 20 -6.91 -8.71 4.77
CA LEU A 20 -7.06 -7.56 5.63
C LEU A 20 -8.49 -7.28 6.08
N GLY A 21 -9.46 -7.56 5.21
CA GLY A 21 -10.87 -7.37 5.57
C GLY A 21 -11.27 -8.29 6.70
N ALA A 22 -10.97 -9.58 6.53
CA ALA A 22 -11.26 -10.62 7.54
C ALA A 22 -10.55 -10.32 8.89
N GLU A 23 -9.31 -9.80 8.82
CA GLU A 23 -8.52 -9.42 10.01
C GLU A 23 -9.16 -8.26 10.78
N CYS A 24 -9.63 -7.27 10.04
CA CYS A 24 -10.33 -6.14 10.59
C CYS A 24 -11.64 -6.52 11.27
N LEU A 25 -12.38 -7.42 10.64
CA LEU A 25 -13.62 -7.89 11.17
C LEU A 25 -13.30 -8.61 12.46
N ARG A 26 -12.18 -9.35 12.49
CA ARG A 26 -11.79 -10.09 13.68
C ARG A 26 -11.45 -9.13 14.82
N LEU A 28 -12.67 -5.96 15.18
CA LEU A 28 -14.01 -5.44 15.57
C LEU A 28 -14.84 -6.45 16.34
N ASP A 29 -14.79 -7.71 15.96
CA ASP A 29 -15.52 -8.75 16.70
C ASP A 29 -14.89 -9.07 18.07
N SER A 30 -13.66 -8.62 18.29
CA SER A 30 -12.94 -8.82 19.53
C SER A 30 -13.08 -7.56 20.41
N GLY A 31 -13.78 -6.54 19.92
CA GLY A 31 -14.13 -5.39 20.73
C GLY A 31 -13.34 -4.16 20.46
N ALA A 32 -12.62 -4.13 19.35
CA ALA A 32 -11.89 -2.93 18.95
C ALA A 32 -12.84 -1.74 18.89
N ASP A 33 -12.42 -0.58 19.37
CA ASP A 33 -13.26 0.62 19.26
C ASP A 33 -13.10 1.31 17.94
N TYR A 34 -11.88 1.31 17.41
CA TYR A 34 -11.58 1.80 16.06
C TYR A 34 -10.48 0.96 15.44
N LEU A 35 -10.26 1.20 14.16
CA LEU A 35 -9.17 0.58 13.39
C LEU A 35 -8.16 1.69 13.01
N HIS A 36 -6.89 1.45 13.38
CA HIS A 36 -5.79 2.40 13.16
C HIS A 36 -5.05 1.89 11.92
N LEU A 37 -5.15 2.59 10.80
CA LEU A 37 -4.56 2.15 9.57
C LEU A 37 -3.38 3.01 9.20
N ASP A 38 -2.21 2.37 9.16
CA ASP A 38 -0.93 3.07 8.94
C ASP A 38 -0.61 3.16 7.49
N VAL A 39 -0.63 4.37 6.96
CA VAL A 39 -0.34 4.64 5.57
C VAL A 39 1.06 5.26 5.49
N ASP A 41 4.22 6.23 2.67
CA ASP A 41 4.51 6.46 1.25
C ASP A 41 5.98 6.27 0.84
N GLY A 42 6.82 5.65 1.67
CA GLY A 42 8.24 5.45 1.29
C GLY A 42 9.13 6.69 1.23
N HIS A 43 8.56 7.85 1.56
CA HIS A 43 9.28 9.10 1.52
C HIS A 43 9.34 9.70 2.91
N PHE A 44 8.19 9.94 3.53
CA PHE A 44 8.19 10.49 4.86
C PHE A 44 8.83 9.51 5.84
N VAL A 45 8.62 8.21 5.59
CA VAL A 45 9.21 7.13 6.39
C VAL A 45 9.71 6.08 5.41
N PRO A 46 10.73 5.29 5.80
CA PRO A 46 11.32 4.33 4.86
C PRO A 46 10.56 3.01 4.73
N ASN A 47 9.27 3.09 4.44
CA ASN A 47 8.43 1.90 4.24
C ASN A 47 7.22 2.33 3.40
N ILE A 48 6.63 1.37 2.68
CA ILE A 48 5.40 1.62 1.90
C ILE A 48 4.39 0.58 2.33
N THR A 49 3.25 0.98 2.86
CA THR A 49 2.24 0.05 3.35
C THR A 49 1.08 -0.06 2.35
N PHE A 50 0.08 0.82 2.45
CA PHE A 50 -1.06 0.85 1.52
C PHE A 50 -1.74 2.22 1.53
N GLY A 51 -2.45 2.55 0.44
CA GLY A 51 -3.11 3.84 0.32
C GLY A 51 -4.62 3.75 0.24
N HIS A 52 -5.23 4.83 -0.23
CA HIS A 52 -6.68 4.91 -0.25
C HIS A 52 -7.38 3.79 -1.06
N PRO A 53 -6.72 3.19 -2.07
CA PRO A 53 -7.42 2.12 -2.74
C PRO A 53 -7.70 0.93 -1.82
N VAL A 54 -6.78 0.58 -0.92
CA VAL A 54 -7.04 -0.50 0.04
C VAL A 54 -8.16 -0.05 0.98
N VAL A 55 -8.09 1.20 1.43
CA VAL A 55 -9.09 1.73 2.36
C VAL A 55 -10.52 1.66 1.79
N GLU A 56 -10.66 1.95 0.51
CA GLU A 56 -11.95 1.92 -0.13
C GLU A 56 -12.50 0.49 -0.18
N SER A 57 -11.67 -0.47 -0.59
CA SER A 57 -12.07 -1.87 -0.53
C SER A 57 -12.53 -2.27 0.88
N LEU A 58 -11.79 -1.82 1.91
CA LEU A 58 -12.14 -2.17 3.29
C LEU A 58 -13.48 -1.58 3.68
N ARG A 59 -13.70 -0.33 3.30
CA ARG A 59 -14.98 0.30 3.57
C ARG A 59 -16.13 -0.40 2.86
N LYS A 60 -15.96 -0.84 1.61
CA LYS A 60 -17.02 -1.54 0.89
CA LYS A 60 -17.03 -1.55 0.88
C LYS A 60 -17.37 -2.85 1.62
N GLN A 61 -16.35 -3.51 2.18
CA GLN A 61 -16.54 -4.80 2.82
C GLN A 61 -17.17 -4.71 4.22
N LEU A 62 -16.67 -3.77 5.03
CA LEU A 62 -17.10 -3.61 6.41
C LEU A 62 -18.35 -2.71 6.59
N GLY A 63 -18.74 -1.93 5.58
CA GLY A 63 -19.88 -1.03 5.73
C GLY A 63 -19.52 0.24 6.48
N GLN A 64 -20.52 1.08 6.75
CA GLN A 64 -20.25 2.45 7.28
C GLN A 64 -19.89 2.59 8.76
N ASP A 65 -20.27 1.64 9.60
CA ASP A 65 -20.12 1.79 11.06
C ASP A 65 -18.73 1.83 11.63
N PRO A 66 -17.86 0.90 11.21
CA PRO A 66 -16.54 0.90 11.79
C PRO A 66 -15.83 2.21 11.52
N PHE A 67 -15.08 2.67 12.51
CA PHE A 67 -14.32 3.91 12.48
C PHE A 67 -12.85 3.68 12.10
N PHE A 68 -12.46 4.28 10.97
CA PHE A 68 -11.11 4.22 10.45
C PHE A 68 -10.34 5.49 10.78
N ASP A 69 -9.26 5.34 11.55
CA ASP A 69 -8.33 6.40 11.85
C ASP A 69 -7.09 6.15 10.97
N HIS A 71 -3.50 6.87 9.94
CA HIS A 71 -2.24 7.41 10.38
C HIS A 71 -1.40 7.71 9.12
N VAL A 74 3.00 10.30 5.39
CA VAL A 74 3.21 10.64 3.98
C VAL A 74 3.75 12.08 3.96
N SER A 75 4.53 12.41 2.94
CA SER A 75 5.18 13.72 2.92
C SER A 75 4.34 14.85 2.37
N LYS A 76 3.25 14.53 1.66
CA LYS A 76 2.33 15.55 1.13
C LYS A 76 0.90 15.18 1.62
N PRO A 77 0.63 15.38 2.92
CA PRO A 77 -0.73 14.99 3.40
C PRO A 77 -1.87 15.73 2.69
N GLU A 78 -1.64 16.97 2.29
CA GLU A 78 -2.62 17.73 1.48
C GLU A 78 -3.17 16.95 0.27
N GLN A 79 -2.31 16.15 -0.35
CA GLN A 79 -2.68 15.41 -1.54
C GLN A 79 -3.67 14.27 -1.32
N TRP A 80 -3.73 13.70 -0.13
CA TRP A 80 -4.54 12.50 0.06
C TRP A 80 -5.82 12.77 0.86
N VAL A 81 -6.07 14.02 1.23
CA VAL A 81 -7.28 14.35 2.02
C VAL A 81 -8.56 13.88 1.31
N LYS A 82 -8.73 14.31 0.06
CA LYS A 82 -9.96 14.05 -0.71
C LYS A 82 -10.05 12.58 -1.08
N PRO A 83 -8.95 11.98 -1.58
CA PRO A 83 -9.06 10.58 -1.89
C PRO A 83 -9.42 9.71 -0.67
N ALA A 85 -11.21 10.73 2.05
CA ALA A 85 -12.63 11.00 2.38
C ALA A 85 -13.51 10.20 1.44
N VAL A 86 -13.17 10.18 0.15
CA VAL A 86 -13.97 9.45 -0.86
C VAL A 86 -13.85 7.95 -0.58
N ALA A 87 -12.69 7.52 -0.12
CA ALA A 87 -12.48 6.11 0.20
C ALA A 87 -13.30 5.70 1.45
N GLY A 88 -13.56 6.65 2.36
CA GLY A 88 -14.42 6.40 3.51
C GLY A 88 -13.73 6.43 4.87
N ALA A 89 -12.56 7.06 4.95
CA ALA A 89 -11.90 7.24 6.23
C ALA A 89 -12.76 8.16 7.10
N ASN A 90 -12.68 7.96 8.40
CA ASN A 90 -13.37 8.78 9.40
C ASN A 90 -12.46 9.89 9.99
N GLN A 91 -11.18 9.60 10.18
CA GLN A 91 -10.20 10.52 10.78
C GLN A 91 -8.89 10.53 9.97
N TYR A 92 -8.31 11.71 9.85
CA TYR A 92 -7.12 11.91 9.07
C TYR A 92 -6.09 12.43 10.06
N THR A 93 -5.17 11.56 10.47
CA THR A 93 -4.14 11.91 11.41
C THR A 93 -2.91 12.18 10.55
N PHE A 94 -2.55 13.45 10.43
CA PHE A 94 -1.33 13.86 9.71
C PHE A 94 -0.21 14.26 10.66
N HIS A 95 1.00 14.31 10.13
CA HIS A 95 2.17 14.64 10.92
C HIS A 95 2.50 16.10 10.83
N LEU A 96 2.74 16.71 11.99
CA LEU A 96 3.13 18.11 12.07
C LEU A 96 4.37 18.33 11.24
N GLU A 97 5.24 17.34 11.17
CA GLU A 97 6.51 17.48 10.44
C GLU A 97 6.38 17.41 8.90
N ALA A 98 5.19 17.10 8.40
CA ALA A 98 5.01 16.86 6.96
C ALA A 98 4.30 18.01 6.25
N THR A 99 4.02 19.09 6.96
CA THR A 99 3.45 20.25 6.29
C THR A 99 4.01 21.55 6.87
N GLU A 100 4.00 22.58 6.02
CA GLU A 100 4.37 23.95 6.42
C GLU A 100 3.11 24.78 6.70
N ASN A 101 1.94 24.18 6.48
CA ASN A 101 0.69 24.85 6.70
C ASN A 101 -0.32 23.92 7.38
N PRO A 102 -0.10 23.64 8.68
CA PRO A 102 -1.03 22.76 9.38
C PRO A 102 -2.44 23.35 9.45
N GLY A 103 -2.54 24.67 9.63
CA GLY A 103 -3.85 25.33 9.78
C GLY A 103 -4.77 25.10 8.59
N ALA A 104 -4.25 25.36 7.39
CA ALA A 104 -5.02 25.16 6.16
C ALA A 104 -5.39 23.69 5.99
N LEU A 105 -4.48 22.79 6.34
CA LEU A 105 -4.75 21.35 6.21
C LEU A 105 -5.87 20.88 7.16
N ILE A 106 -5.87 21.34 8.41
CA ILE A 106 -6.97 21.08 9.34
C ILE A 106 -8.32 21.52 8.72
N LYS A 107 -8.35 22.70 8.12
CA LYS A 107 -9.59 23.20 7.51
C LYS A 107 -10.02 22.28 6.35
N ASP A 108 -9.05 21.79 5.59
CA ASP A 108 -9.37 20.97 4.43
C ASP A 108 -9.92 19.60 4.84
N ILE A 109 -9.35 19.03 5.90
CA ILE A 109 -9.81 17.75 6.46
C ILE A 109 -11.26 17.90 6.88
N ARG A 110 -11.55 18.98 7.60
CA ARG A 110 -12.91 19.25 8.04
C ARG A 110 -13.87 19.53 6.88
N GLU A 111 -13.42 20.34 5.93
CA GLU A 111 -14.20 20.62 4.74
C GLU A 111 -14.54 19.32 3.98
N ASN A 112 -13.68 18.31 4.11
CA ASN A 112 -13.92 17.01 3.50
C ASN A 112 -14.71 16.00 4.39
N GLY A 113 -15.20 16.47 5.54
CA GLY A 113 -16.10 15.69 6.41
C GLY A 113 -15.46 14.68 7.32
N LYS A 115 -12.75 13.71 10.75
CA LYS A 115 -12.18 14.15 12.01
C LYS A 115 -10.67 14.36 11.79
N VAL A 116 -10.05 15.17 12.64
CA VAL A 116 -8.65 15.58 12.54
C VAL A 116 -7.78 15.01 13.67
N GLY A 117 -6.70 14.33 13.26
CA GLY A 117 -5.68 13.85 14.15
C GLY A 117 -4.41 14.58 13.77
N LEU A 118 -3.55 14.82 14.75
CA LEU A 118 -2.27 15.51 14.54
C LEU A 118 -1.20 14.71 15.31
N ALA A 119 -0.17 14.21 14.60
CA ALA A 119 0.84 13.34 15.20
C ALA A 119 2.17 14.03 15.25
N ILE A 120 3.00 13.62 16.20
CA ILE A 120 4.39 14.10 16.31
C ILE A 120 5.34 12.93 16.57
N LYS A 121 6.47 12.93 15.84
CA LYS A 121 7.52 11.94 15.98
C LYS A 121 8.34 12.21 17.26
N PRO A 122 9.13 11.21 17.73
CA PRO A 122 9.84 11.36 19.00
C PRO A 122 10.70 12.60 19.15
N GLY A 123 11.44 12.97 18.11
CA GLY A 123 12.30 14.14 18.15
C GLY A 123 11.58 15.48 18.15
N THR A 124 10.30 15.50 17.79
CA THR A 124 9.52 16.73 17.78
C THR A 124 8.97 17.07 19.16
N SER A 125 9.36 18.24 19.67
CA SER A 125 8.88 18.72 20.97
C SER A 125 7.34 18.80 21.04
N VAL A 126 6.81 18.41 22.19
CA VAL A 126 5.36 18.35 22.39
C VAL A 126 4.78 19.75 22.37
N GLU A 127 5.56 20.73 22.79
CA GLU A 127 5.15 22.12 22.74
C GLU A 127 4.59 22.54 21.35
N TYR A 128 5.03 21.89 20.27
CA TYR A 128 4.60 22.30 18.92
C TYR A 128 3.14 21.95 18.56
N LEU A 129 2.52 21.06 19.36
CA LEU A 129 1.09 20.71 19.22
C LEU A 129 0.21 21.74 19.90
N ALA A 130 0.77 22.50 20.86
CA ALA A 130 -0.03 23.40 21.70
C ALA A 130 -0.94 24.34 20.92
N PRO A 131 -0.39 25.03 19.91
CA PRO A 131 -1.25 25.98 19.22
C PRO A 131 -2.40 25.31 18.48
N TRP A 132 -2.33 24.00 18.27
CA TRP A 132 -3.36 23.29 17.50
C TRP A 132 -4.26 22.41 18.35
N ALA A 133 -3.94 22.17 19.62
CA ALA A 133 -4.69 21.20 20.48
C ALA A 133 -6.23 21.37 20.48
N ASN A 134 -6.69 22.60 20.61
CA ASN A 134 -8.10 22.90 20.68
C ASN A 134 -8.80 22.86 19.32
N GLN A 135 -8.01 22.72 18.26
CA GLN A 135 -8.54 22.75 16.89
CA GLN A 135 -8.54 22.77 16.91
C GLN A 135 -8.56 21.37 16.24
N ILE A 136 -8.09 20.35 16.99
CA ILE A 136 -8.07 18.98 16.50
C ILE A 136 -8.96 18.10 17.33
N ASP A 137 -9.29 16.93 16.80
CA ASP A 137 -10.04 15.91 17.53
C ASP A 137 -9.13 15.00 18.38
N ALA A 139 -4.75 14.10 19.32
CA ALA A 139 -3.31 14.28 19.20
C ALA A 139 -2.63 12.89 19.31
N LEU A 140 -1.65 12.61 18.46
CA LEU A 140 -0.89 11.34 18.53
C LEU A 140 0.58 11.63 18.95
N VAL A 141 0.95 11.14 20.14
CA VAL A 141 2.34 11.13 20.60
C VAL A 141 2.93 9.77 20.22
N THR A 143 5.47 6.78 20.06
CA THR A 143 6.32 6.20 21.07
C THR A 143 7.42 5.30 20.46
N VAL A 144 7.48 5.21 19.12
CA VAL A 144 8.66 4.67 18.39
C VAL A 144 8.99 5.62 17.21
N GLU A 145 10.19 5.49 16.66
CA GLU A 145 10.55 6.21 15.41
C GLU A 145 9.86 5.42 14.32
N PRO A 146 8.96 6.06 13.53
CA PRO A 146 8.20 5.34 12.54
C PRO A 146 9.03 4.87 11.38
N GLY A 147 8.57 3.77 10.79
CA GLY A 147 9.14 3.20 9.60
C GLY A 147 10.26 2.22 9.81
N PHE A 148 10.72 2.06 11.04
CA PHE A 148 11.83 1.15 11.30
C PHE A 148 11.31 -0.16 11.90
N GLY A 149 12.07 -1.22 11.66
CA GLY A 149 11.68 -2.54 12.13
C GLY A 149 12.12 -2.87 13.55
N GLY A 150 11.16 -3.28 14.38
CA GLY A 150 11.48 -3.81 15.72
C GLY A 150 11.99 -2.77 16.71
N GLN A 151 11.21 -1.72 16.90
CA GLN A 151 11.59 -0.62 17.78
C GLN A 151 11.02 -0.82 19.18
N LYS A 152 11.84 -0.66 20.21
CA LYS A 152 11.34 -0.80 21.58
C LYS A 152 10.46 0.43 21.95
N PHE A 153 9.41 0.20 22.75
CA PHE A 153 8.59 1.30 23.33
C PHE A 153 9.50 2.28 24.05
N GLU A 155 10.02 4.84 26.78
CA GLU A 155 9.51 5.39 28.02
C GLU A 155 9.74 6.89 28.14
N ASP A 156 10.76 7.43 27.50
CA ASP A 156 11.06 8.87 27.65
C ASP A 156 10.14 9.78 26.83
N PRO A 159 6.76 11.94 29.26
CA PRO A 159 6.61 13.34 29.70
C PRO A 159 5.85 14.20 28.69
N LYS A 160 5.90 13.86 27.40
CA LYS A 160 5.12 14.60 26.42
C LYS A 160 3.62 14.31 26.63
N VAL A 161 3.27 13.05 26.89
CA VAL A 161 1.86 12.72 27.08
C VAL A 161 1.32 13.42 28.33
N HIS A 162 2.11 13.44 29.40
CA HIS A 162 1.69 14.04 30.67
C HIS A 162 1.53 15.55 30.56
N TRP A 163 2.45 16.18 29.85
CA TRP A 163 2.39 17.60 29.61
C TRP A 163 1.12 17.89 28.80
N LEU A 164 0.85 17.17 27.72
CA LEU A 164 -0.41 17.39 26.97
C LEU A 164 -1.64 17.24 27.83
N ARG A 165 -1.69 16.17 28.63
CA ARG A 165 -2.83 15.92 29.49
C ARG A 165 -3.06 17.05 30.51
N THR A 166 -1.97 17.56 31.07
CA THR A 166 -2.02 18.63 32.06
C THR A 166 -2.51 19.96 31.46
N GLN A 167 -2.07 20.26 30.25
CA GLN A 167 -2.40 21.55 29.62
C GLN A 167 -3.75 21.52 28.93
N PHE A 168 -4.12 20.35 28.39
CA PHE A 168 -5.41 20.13 27.71
C PHE A 168 -6.18 18.95 28.31
N PRO A 169 -6.89 19.17 29.43
CA PRO A 169 -7.56 18.08 30.07
C PRO A 169 -8.65 17.39 29.24
N SER A 170 -9.17 18.06 28.21
CA SER A 170 -10.25 17.51 27.37
C SER A 170 -9.77 16.99 26.00
N LEU A 171 -8.46 17.00 25.76
CA LEU A 171 -7.92 16.53 24.50
C LEU A 171 -7.83 15.00 24.48
N ASP A 172 -8.17 14.39 23.37
CA ASP A 172 -7.97 12.95 23.24
C ASP A 172 -6.50 12.77 22.82
N ILE A 173 -5.77 11.94 23.57
CA ILE A 173 -4.35 11.71 23.35
C ILE A 173 -4.07 10.24 23.07
N GLU A 174 -3.48 10.00 21.90
CA GLU A 174 -3.15 8.66 21.43
C GLU A 174 -1.64 8.40 21.57
N VAL A 175 -1.30 7.13 21.77
CA VAL A 175 0.06 6.64 21.81
C VAL A 175 0.14 5.54 20.78
N ASP A 176 1.27 5.45 20.11
CA ASP A 176 1.40 4.52 18.99
C ASP A 176 2.85 4.14 18.82
N GLY A 177 3.19 2.89 19.15
CA GLY A 177 4.56 2.37 19.02
C GLY A 177 4.95 1.47 20.18
N GLY A 178 4.95 0.14 19.96
CA GLY A 178 5.30 -0.84 21.00
C GLY A 178 4.39 -0.82 22.22
N VAL A 179 3.12 -0.42 22.06
CA VAL A 179 2.23 -0.41 23.21
C VAL A 179 1.62 -1.78 23.37
N GLY A 180 1.71 -2.33 24.58
CA GLY A 180 1.12 -3.63 24.91
C GLY A 180 0.71 -3.70 26.38
N PRO A 181 0.35 -4.92 26.88
CA PRO A 181 -0.04 -5.13 28.28
C PRO A 181 0.94 -4.60 29.31
N ASP A 182 2.21 -4.55 28.93
CA ASP A 182 3.26 -4.08 29.84
C ASP A 182 3.44 -2.58 29.79
N THR A 183 3.46 -2.01 28.58
CA THR A 183 3.72 -0.59 28.45
C THR A 183 2.46 0.27 28.60
N VAL A 184 1.27 -0.32 28.43
CA VAL A 184 0.03 0.45 28.55
C VAL A 184 -0.14 1.11 29.92
N HIS A 185 0.36 0.51 31.00
CA HIS A 185 0.29 1.09 32.33
CA HIS A 185 0.19 1.17 32.29
C HIS A 185 0.91 2.50 32.32
N LYS A 186 2.14 2.58 31.80
CA LYS A 186 2.87 3.84 31.70
C LYS A 186 2.13 4.86 30.83
N CYS A 187 1.57 4.41 29.72
CA CYS A 187 0.81 5.30 28.81
C CYS A 187 -0.45 5.88 29.49
N ALA A 188 -1.19 5.04 30.20
CA ALA A 188 -2.39 5.44 30.92
C ALA A 188 -2.09 6.38 32.10
N GLU A 189 -1.09 6.06 32.91
CA GLU A 189 -0.76 6.87 34.09
CA GLU A 189 -0.79 6.90 34.10
C GLU A 189 -0.26 8.27 33.67
N ALA A 190 0.32 8.34 32.48
CA ALA A 190 0.85 9.56 31.92
C ALA A 190 -0.25 10.43 31.34
N GLY A 191 -1.41 9.83 31.04
CA GLY A 191 -2.53 10.59 30.51
C GLY A 191 -3.15 10.15 29.18
N ALA A 192 -2.54 9.22 28.44
CA ALA A 192 -3.10 8.80 27.15
C ALA A 192 -4.42 8.08 27.36
N ASN A 193 -5.39 8.33 26.47
CA ASN A 193 -6.68 7.62 26.52
C ASN A 193 -7.04 6.89 25.23
N ILE A 195 -5.44 4.15 22.74
CA ILE A 195 -4.35 3.18 22.71
C ILE A 195 -4.28 2.43 21.35
N VAL A 196 -3.15 2.56 20.65
CA VAL A 196 -2.89 1.76 19.46
C VAL A 196 -1.93 0.64 19.86
N SER A 197 -2.28 -0.58 19.46
CA SER A 197 -1.47 -1.76 19.75
C SER A 197 -1.59 -2.70 18.58
N GLY A 198 -0.47 -3.30 18.19
CA GLY A 198 -0.46 -4.23 17.04
C GLY A 198 -0.09 -5.65 17.40
N SER A 199 1.20 -5.95 17.34
CA SER A 199 1.68 -7.32 17.58
C SER A 199 1.24 -7.96 18.88
N ALA A 200 1.05 -7.19 19.94
CA ALA A 200 0.59 -7.77 21.20
C ALA A 200 -0.83 -8.39 21.04
N ILE A 201 -1.67 -7.78 20.19
CA ILE A 201 -2.99 -8.33 19.90
C ILE A 201 -2.92 -9.45 18.85
N ARG A 203 -0.48 -11.39 17.98
CA ARG A 203 0.20 -12.64 18.42
C ARG A 203 -0.69 -13.55 19.28
N SER A 204 -1.85 -13.06 19.75
CA SER A 204 -2.69 -13.82 20.70
C SER A 204 -3.80 -14.74 20.10
N GLU A 205 -4.05 -15.88 20.76
CA GLU A 205 -5.17 -16.78 20.48
CA GLU A 205 -5.17 -16.73 20.37
C GLU A 205 -6.47 -16.11 20.92
N ASP A 206 -6.35 -15.10 21.77
CA ASP A 206 -7.52 -14.44 22.40
C ASP A 206 -7.35 -12.93 22.34
N PRO A 207 -7.51 -12.35 21.15
CA PRO A 207 -7.36 -10.91 20.98
C PRO A 207 -8.36 -10.09 21.82
N ARG A 208 -9.56 -10.62 22.05
CA ARG A 208 -10.56 -9.96 22.89
C ARG A 208 -9.99 -9.73 24.27
N SER A 209 -9.34 -10.74 24.83
CA SER A 209 -8.72 -10.64 26.15
C SER A 209 -7.63 -9.53 26.23
N VAL A 210 -6.84 -9.37 25.16
CA VAL A 210 -5.75 -8.41 25.13
C VAL A 210 -6.32 -7.03 25.00
N ILE A 211 -7.36 -6.88 24.17
CA ILE A 211 -8.02 -5.60 24.02
C ILE A 211 -8.72 -5.24 25.34
N ASN A 212 -9.39 -6.19 25.97
CA ASN A 212 -10.02 -5.93 27.25
C ASN A 212 -8.96 -5.39 28.23
N LEU A 213 -7.83 -6.09 28.34
CA LEU A 213 -6.77 -5.71 29.26
C LEU A 213 -6.27 -4.31 29.00
N LEU A 214 -6.03 -3.97 27.73
CA LEU A 214 -5.60 -2.63 27.40
C LEU A 214 -6.66 -1.61 27.85
N ARG A 215 -7.93 -1.84 27.51
CA ARG A 215 -8.99 -0.93 27.89
CA ARG A 215 -9.03 -0.96 27.92
C ARG A 215 -9.09 -0.82 29.41
N ASN A 216 -9.07 -1.95 30.12
CA ASN A 216 -9.15 -1.92 31.57
C ASN A 216 -7.98 -1.19 32.26
N VAL A 217 -6.73 -1.36 31.78
CA VAL A 217 -5.60 -0.64 32.38
C VAL A 217 -5.76 0.86 32.10
N CYS A 218 -6.17 1.17 30.87
CA CYS A 218 -6.41 2.54 30.51
C CYS A 218 -7.49 3.18 31.42
N SER A 219 -8.59 2.46 31.66
CA SER A 219 -9.71 2.99 32.44
C SER A 219 -9.36 3.23 33.88
N GLU A 220 -8.64 2.30 34.49
CA GLU A 220 -8.27 2.42 35.89
C GLU A 220 -7.40 3.67 36.13
N ALA A 221 -6.60 4.08 35.16
CA ALA A 221 -5.82 5.31 35.29
C ALA A 221 -6.71 6.54 35.03
N ALA A 222 -7.56 6.48 34.00
CA ALA A 222 -8.48 7.57 33.64
C ALA A 222 -9.49 7.92 34.76
N GLN A 223 -9.98 6.92 35.50
CA GLN A 223 -10.93 7.17 36.62
C GLN A 223 -10.27 7.89 37.80
N LYS A 224 -8.92 7.80 37.87
CA LYS A 224 -8.16 8.51 38.91
C LYS A 224 -7.96 9.97 38.52
N ARG A 225 -8.21 10.33 37.24
CA ARG A 225 -8.03 11.72 36.79
C ARG A 225 -9.21 12.62 37.17
N GLY B 1 13.62 -17.58 -32.41
CA GLY B 1 14.17 -16.77 -31.35
C GLY B 1 13.80 -17.34 -29.99
N ALA B 3 12.24 -15.52 -27.56
CA ALA B 3 11.16 -14.79 -26.93
C ALA B 3 10.30 -15.84 -26.30
N SER B 4 9.86 -15.57 -25.11
CA SER B 4 9.06 -16.51 -24.39
C SER B 4 7.69 -16.71 -25.10
N GLY B 5 7.02 -17.79 -24.80
CA GLY B 5 5.67 -17.91 -25.34
C GLY B 5 4.81 -16.74 -24.83
N CYS B 6 3.53 -16.79 -25.14
CA CYS B 6 2.62 -15.74 -24.67
C CYS B 6 2.29 -15.98 -23.21
N LYS B 7 2.31 -14.94 -22.38
CA LYS B 7 2.01 -15.04 -20.94
C LYS B 7 1.04 -13.94 -20.55
N ILE B 8 0.11 -14.28 -19.66
CA ILE B 8 -0.94 -13.38 -19.21
C ILE B 8 -0.76 -13.17 -17.73
N GLY B 9 -0.63 -11.90 -17.38
CA GLY B 9 -0.46 -11.52 -16.00
C GLY B 9 -1.52 -10.53 -15.56
N PRO B 10 -2.58 -11.03 -14.94
CA PRO B 10 -3.60 -10.13 -14.46
C PRO B 10 -3.03 -9.09 -13.50
N SER B 11 -3.56 -7.87 -13.61
CA SER B 11 -3.24 -6.79 -12.70
CA SER B 11 -3.25 -6.78 -12.69
C SER B 11 -4.36 -6.79 -11.67
N ILE B 12 -4.02 -6.58 -10.41
CA ILE B 12 -5.02 -6.73 -9.37
C ILE B 12 -5.56 -5.45 -8.67
N LEU B 13 -5.39 -4.28 -9.29
CA LEU B 13 -5.83 -3.03 -8.65
C LEU B 13 -7.34 -2.87 -8.62
N ASN B 14 -8.07 -3.60 -9.46
CA ASN B 14 -9.54 -3.45 -9.42
C ASN B 14 -10.19 -4.61 -8.68
N SER B 15 -9.33 -5.43 -8.10
CA SER B 15 -9.74 -6.54 -7.24
C SER B 15 -10.21 -6.00 -5.90
N ASP B 16 -10.79 -6.88 -5.11
CA ASP B 16 -11.15 -6.54 -3.75
C ASP B 16 -9.81 -6.57 -2.95
N LEU B 17 -9.19 -5.41 -2.74
CA LEU B 17 -7.90 -5.34 -2.05
C LEU B 17 -7.97 -5.72 -0.56
N ALA B 18 -9.18 -5.87 -0.01
CA ALA B 18 -9.40 -6.37 1.35
C ALA B 18 -9.47 -7.90 1.39
N ASN B 19 -9.31 -8.53 0.23
CA ASN B 19 -9.29 -9.99 0.08
C ASN B 19 -8.28 -10.32 -1.01
N LEU B 20 -7.09 -9.72 -0.93
CA LEU B 20 -6.11 -9.80 -1.99
C LEU B 20 -5.56 -11.19 -2.26
N GLY B 21 -5.34 -11.97 -1.21
CA GLY B 21 -4.91 -13.36 -1.37
C GLY B 21 -5.95 -14.20 -2.12
N ALA B 22 -7.19 -14.16 -1.64
CA ALA B 22 -8.27 -14.88 -2.31
C ALA B 22 -8.36 -14.45 -3.80
N GLU B 23 -8.14 -13.17 -4.08
CA GLU B 23 -8.23 -12.67 -5.45
C GLU B 23 -7.09 -13.16 -6.31
N CYS B 24 -5.90 -13.21 -5.72
CA CYS B 24 -4.77 -13.74 -6.42
C CYS B 24 -4.94 -15.24 -6.67
N LEU B 25 -5.45 -15.99 -5.69
CA LEU B 25 -5.65 -17.43 -5.85
C LEU B 25 -6.67 -17.73 -6.97
N ARG B 26 -7.64 -16.84 -7.13
CA ARG B 26 -8.66 -17.00 -8.15
C ARG B 26 -8.04 -16.76 -9.53
N LEU B 28 -4.82 -17.27 -10.27
CA LEU B 28 -3.96 -18.44 -10.48
C LEU B 28 -4.77 -19.67 -10.82
N ASP B 29 -5.85 -19.93 -10.10
CA ASP B 29 -6.79 -21.03 -10.40
C ASP B 29 -7.48 -20.89 -11.77
N SER B 30 -7.39 -19.71 -12.36
CA SER B 30 -8.00 -19.42 -13.66
C SER B 30 -7.00 -19.53 -14.82
N GLY B 31 -5.79 -19.97 -14.54
CA GLY B 31 -4.78 -20.14 -15.58
C GLY B 31 -3.80 -18.99 -15.78
N ALA B 32 -3.81 -18.00 -14.88
CA ALA B 32 -2.85 -16.91 -14.99
C ALA B 32 -1.43 -17.47 -15.01
N ASP B 33 -0.59 -16.94 -15.91
CA ASP B 33 0.83 -17.32 -15.97
C ASP B 33 1.66 -16.59 -14.92
N TYR B 34 1.24 -15.38 -14.59
CA TYR B 34 1.90 -14.66 -13.50
C TYR B 34 0.94 -13.66 -12.91
N LEU B 35 1.39 -12.99 -11.85
CA LEU B 35 0.61 -11.96 -11.16
C LEU B 35 1.43 -10.68 -11.25
N HIS B 36 0.76 -9.64 -11.73
CA HIS B 36 1.35 -8.34 -11.98
C HIS B 36 0.88 -7.40 -10.88
N LEU B 37 1.82 -6.95 -10.06
CA LEU B 37 1.48 -6.22 -8.86
C LEU B 37 1.94 -4.78 -8.99
N ASP B 38 0.99 -3.85 -8.98
CA ASP B 38 1.32 -2.44 -9.18
C ASP B 38 1.67 -1.72 -7.90
N VAL B 39 2.93 -1.32 -7.76
CA VAL B 39 3.40 -0.63 -6.54
C VAL B 39 3.63 0.83 -6.87
N ASP B 41 4.15 4.75 -5.05
CA ASP B 41 4.57 5.45 -3.84
C ASP B 41 4.03 6.86 -3.67
N GLY B 42 3.10 7.28 -4.51
CA GLY B 42 2.51 8.59 -4.39
C GLY B 42 3.39 9.78 -4.77
N HIS B 43 4.55 9.51 -5.34
CA HIS B 43 5.48 10.53 -5.79
C HIS B 43 5.74 10.37 -7.31
N PHE B 44 6.20 9.20 -7.70
CA PHE B 44 6.41 8.92 -9.09
C PHE B 44 5.08 8.95 -9.86
N VAL B 45 4.02 8.49 -9.20
CA VAL B 45 2.66 8.57 -9.76
C VAL B 45 1.75 9.06 -8.65
N PRO B 46 0.64 9.72 -8.99
CA PRO B 46 -0.20 10.28 -7.94
C PRO B 46 -1.18 9.27 -7.31
N ASN B 47 -0.63 8.20 -6.77
CA ASN B 47 -1.45 7.19 -6.13
C ASN B 47 -0.51 6.37 -5.25
N ILE B 48 -1.07 5.81 -4.18
CA ILE B 48 -0.37 4.92 -3.28
C ILE B 48 -1.15 3.62 -3.29
N THR B 49 -0.55 2.51 -3.65
CA THR B 49 -1.27 1.25 -3.77
C THR B 49 -0.83 0.39 -2.59
N PHE B 50 0.29 -0.31 -2.72
CA PHE B 50 0.80 -1.13 -1.59
C PHE B 50 2.28 -1.46 -1.80
N GLY B 51 2.95 -1.87 -0.74
CA GLY B 51 4.40 -2.09 -0.77
C GLY B 51 4.75 -3.51 -0.39
N HIS B 52 6.01 -3.68 0.00
CA HIS B 52 6.56 -4.99 0.30
C HIS B 52 5.92 -5.74 1.44
N PRO B 53 5.38 -5.04 2.44
CA PRO B 53 4.71 -5.81 3.53
C PRO B 53 3.48 -6.61 3.03
N VAL B 54 2.75 -6.07 2.07
CA VAL B 54 1.61 -6.76 1.45
C VAL B 54 2.13 -7.86 0.55
N VAL B 55 3.22 -7.65 -0.17
CA VAL B 55 3.79 -8.72 -0.98
C VAL B 55 4.22 -9.89 -0.08
N GLU B 56 4.83 -9.60 1.05
CA GLU B 56 5.25 -10.62 1.99
C GLU B 56 4.06 -11.45 2.51
N SER B 57 2.96 -10.80 2.89
CA SER B 57 1.75 -11.55 3.24
C SER B 57 1.23 -12.40 2.07
N LEU B 58 1.25 -11.86 0.86
CA LEU B 58 0.79 -12.62 -0.31
C LEU B 58 1.62 -13.85 -0.56
N ARG B 59 2.94 -13.70 -0.48
CA ARG B 59 3.84 -14.83 -0.65
C ARG B 59 3.65 -15.90 0.41
N LYS B 60 3.45 -15.49 1.65
CA LYS B 60 3.19 -16.42 2.72
C LYS B 60 1.89 -17.19 2.49
N GLN B 61 0.86 -16.53 1.96
CA GLN B 61 -0.39 -17.27 1.73
C GLN B 61 -0.31 -18.22 0.52
N LEU B 62 0.20 -17.73 -0.61
CA LEU B 62 0.16 -18.49 -1.86
C LEU B 62 1.28 -19.52 -2.07
N GLY B 63 2.32 -19.51 -1.26
CA GLY B 63 3.42 -20.45 -1.40
C GLY B 63 4.44 -19.97 -2.42
N GLN B 64 5.49 -20.76 -2.62
CA GLN B 64 6.63 -20.36 -3.45
C GLN B 64 6.42 -20.40 -4.99
N ASP B 65 5.49 -21.19 -5.49
CA ASP B 65 5.39 -21.35 -6.96
C ASP B 65 4.88 -20.18 -7.83
N PRO B 66 3.83 -19.47 -7.42
CA PRO B 66 3.36 -18.38 -8.30
C PRO B 66 4.40 -17.31 -8.54
N PHE B 67 4.40 -16.71 -9.74
CA PHE B 67 5.38 -15.71 -10.12
C PHE B 67 4.81 -14.30 -9.95
N PHE B 68 5.53 -13.48 -9.16
CA PHE B 68 5.15 -12.09 -8.91
C PHE B 68 6.06 -11.16 -9.68
N ASP B 69 5.44 -10.37 -10.55
CA ASP B 69 6.07 -9.32 -11.29
C ASP B 69 5.72 -8.01 -10.58
N HIS B 71 5.52 -4.18 -10.56
CA HIS B 71 5.58 -3.00 -11.39
C HIS B 71 5.82 -1.83 -10.43
N VAL B 74 7.67 3.80 -8.50
CA VAL B 74 8.20 4.47 -7.36
C VAL B 74 9.37 5.35 -7.79
N SER B 75 9.58 6.47 -7.10
CA SER B 75 10.65 7.41 -7.44
C SER B 75 12.08 6.99 -7.04
N LYS B 76 12.22 6.03 -6.13
CA LYS B 76 13.54 5.61 -5.70
C LYS B 76 13.55 4.08 -5.73
N PRO B 77 13.53 3.47 -6.93
CA PRO B 77 13.48 2.01 -7.04
C PRO B 77 14.67 1.30 -6.42
N GLU B 78 15.80 1.98 -6.28
CA GLU B 78 16.96 1.42 -5.59
C GLU B 78 16.61 1.02 -4.16
N GLN B 79 15.70 1.77 -3.54
CA GLN B 79 15.41 1.61 -2.14
C GLN B 79 14.65 0.31 -1.81
N TRP B 80 13.85 -0.19 -2.75
CA TRP B 80 12.95 -1.32 -2.47
C TRP B 80 13.41 -2.67 -3.03
N VAL B 81 14.57 -2.72 -3.69
CA VAL B 81 15.13 -3.99 -4.21
C VAL B 81 15.26 -5.03 -3.12
N LYS B 82 16.06 -4.75 -2.10
CA LYS B 82 16.24 -5.75 -1.05
C LYS B 82 14.94 -6.06 -0.32
N PRO B 83 14.18 -5.03 0.08
CA PRO B 83 12.92 -5.36 0.74
C PRO B 83 11.99 -6.24 -0.11
N ALA B 85 12.92 -8.38 -2.52
CA ALA B 85 13.52 -9.73 -2.69
C ALA B 85 13.23 -10.57 -1.46
N VAL B 86 13.33 -9.96 -0.28
CA VAL B 86 13.01 -10.62 0.99
C VAL B 86 11.52 -10.92 1.09
N ALA B 87 10.66 -10.05 0.57
CA ALA B 87 9.21 -10.32 0.59
C ALA B 87 8.80 -11.51 -0.29
N GLY B 88 9.65 -11.84 -1.26
CA GLY B 88 9.43 -12.95 -2.16
C GLY B 88 9.00 -12.57 -3.56
N ALA B 89 9.29 -11.36 -4.00
CA ALA B 89 9.06 -11.00 -5.40
C ALA B 89 10.07 -11.75 -6.36
N ASN B 90 9.58 -12.16 -7.54
CA ASN B 90 10.38 -12.86 -8.55
C ASN B 90 11.02 -11.90 -9.55
N GLN B 91 10.24 -10.92 -9.99
CA GLN B 91 10.72 -9.95 -10.96
C GLN B 91 10.40 -8.55 -10.48
N TYR B 92 11.38 -7.66 -10.66
CA TYR B 92 11.32 -6.28 -10.24
C TYR B 92 11.37 -5.45 -11.48
N THR B 93 10.27 -4.83 -11.84
CA THR B 93 10.19 -4.02 -13.06
C THR B 93 10.22 -2.57 -12.63
N PHE B 94 11.32 -1.89 -12.90
CA PHE B 94 11.44 -0.47 -12.59
C PHE B 94 11.29 0.39 -13.83
N HIS B 95 11.11 1.69 -13.59
CA HIS B 95 10.90 2.65 -14.65
C HIS B 95 12.18 3.35 -14.96
N LEU B 96 12.43 3.47 -16.24
CA LEU B 96 13.63 4.08 -16.74
C LEU B 96 13.66 5.54 -16.32
N GLU B 97 12.48 6.14 -16.17
CA GLU B 97 12.40 7.55 -15.80
C GLU B 97 12.68 7.79 -14.31
N ALA B 98 12.62 6.71 -13.50
CA ALA B 98 12.80 6.81 -12.05
C ALA B 98 14.24 6.70 -11.62
N THR B 99 15.17 6.64 -12.57
CA THR B 99 16.58 6.56 -12.20
C THR B 99 17.54 7.14 -13.25
N GLU B 100 18.66 7.67 -12.73
CA GLU B 100 19.78 8.16 -13.55
C GLU B 100 20.88 7.10 -13.68
N ASN B 101 20.75 5.94 -13.04
CA ASN B 101 21.74 4.86 -13.20
C ASN B 101 21.06 3.49 -13.33
N PRO B 102 20.40 3.27 -14.47
CA PRO B 102 19.73 2.00 -14.71
C PRO B 102 20.69 0.81 -14.64
N GLY B 103 21.93 1.00 -15.08
CA GLY B 103 22.93 -0.06 -15.11
C GLY B 103 23.20 -0.66 -13.74
N ALA B 104 23.50 0.21 -12.76
CA ALA B 104 23.72 -0.26 -11.40
C ALA B 104 22.45 -0.92 -10.80
N LEU B 105 21.27 -0.37 -11.07
CA LEU B 105 20.03 -1.00 -10.53
C LEU B 105 19.86 -2.42 -11.10
N ILE B 106 20.08 -2.58 -12.40
CA ILE B 106 19.93 -3.91 -13.04
C ILE B 106 20.80 -4.92 -12.33
N LYS B 107 22.08 -4.55 -12.12
CA LYS B 107 22.99 -5.40 -11.36
C LYS B 107 22.47 -5.68 -9.96
N ASP B 108 21.99 -4.65 -9.27
CA ASP B 108 21.54 -4.82 -7.87
C ASP B 108 20.35 -5.79 -7.80
N ILE B 109 19.43 -5.64 -8.74
CA ILE B 109 18.26 -6.53 -8.79
C ILE B 109 18.77 -7.96 -8.94
N ARG B 110 19.72 -8.21 -9.82
CA ARG B 110 20.17 -9.57 -10.06
C ARG B 110 20.97 -10.16 -8.88
N GLU B 111 21.71 -9.29 -8.19
CA GLU B 111 22.42 -9.69 -6.99
C GLU B 111 21.45 -10.17 -5.89
N ASN B 112 20.26 -9.57 -5.87
CA ASN B 112 19.20 -9.94 -4.91
C ASN B 112 18.29 -11.09 -5.39
N GLY B 113 18.70 -11.71 -6.49
CA GLY B 113 18.11 -12.96 -6.93
C GLY B 113 16.83 -12.87 -7.68
N LYS B 115 14.46 -11.54 -11.20
CA LYS B 115 14.45 -11.20 -12.61
C LYS B 115 14.28 -9.69 -12.79
N VAL B 116 14.70 -9.17 -13.95
CA VAL B 116 14.72 -7.73 -14.21
C VAL B 116 13.75 -7.25 -15.30
N GLY B 117 12.92 -6.29 -14.94
CA GLY B 117 12.00 -5.67 -15.90
C GLY B 117 12.32 -4.19 -16.01
N LEU B 118 12.02 -3.58 -17.14
CA LEU B 118 12.34 -2.15 -17.36
C LEU B 118 11.18 -1.56 -18.15
N ALA B 119 10.58 -0.53 -17.58
CA ALA B 119 9.34 0.06 -18.07
C ALA B 119 9.54 1.49 -18.57
N ILE B 120 8.77 1.88 -19.58
CA ILE B 120 8.75 3.26 -20.07
C ILE B 120 7.32 3.74 -20.22
N LYS B 121 7.09 4.97 -19.78
CA LYS B 121 5.80 5.64 -19.88
C LYS B 121 5.60 6.18 -21.29
N PRO B 122 4.36 6.62 -21.59
CA PRO B 122 4.08 7.00 -22.98
C PRO B 122 4.96 8.07 -23.60
N GLY B 123 5.25 9.13 -22.85
CA GLY B 123 6.12 10.19 -23.34
C GLY B 123 7.59 9.81 -23.53
N THR B 124 8.00 8.61 -23.15
CA THR B 124 9.43 8.23 -23.22
C THR B 124 9.75 7.46 -24.49
N SER B 125 10.69 7.96 -25.28
CA SER B 125 11.04 7.30 -26.53
C SER B 125 11.57 5.90 -26.28
N VAL B 126 11.08 4.97 -27.08
CA VAL B 126 11.44 3.56 -27.00
C VAL B 126 12.90 3.36 -27.29
N GLU B 127 13.52 4.27 -28.05
CA GLU B 127 14.96 4.20 -28.31
C GLU B 127 15.79 4.15 -27.00
N TYR B 128 15.28 4.74 -25.91
CA TYR B 128 15.98 4.73 -24.62
C TYR B 128 16.03 3.35 -23.94
N LEU B 129 15.19 2.41 -24.38
CA LEU B 129 15.25 1.04 -23.89
C LEU B 129 16.38 0.31 -24.59
N ALA B 130 16.75 0.68 -25.82
CA ALA B 130 17.69 -0.14 -26.59
C ALA B 130 19.03 -0.47 -25.95
N PRO B 131 19.65 0.48 -25.25
CA PRO B 131 20.94 0.09 -24.70
C PRO B 131 20.84 -1.02 -23.66
N TRP B 132 19.63 -1.25 -23.13
CA TRP B 132 19.41 -2.18 -22.02
C TRP B 132 18.66 -3.47 -22.37
N ALA B 133 18.15 -3.58 -23.60
CA ALA B 133 17.28 -4.70 -24.00
C ALA B 133 17.90 -6.08 -23.77
N ASN B 134 19.15 -6.24 -24.14
CA ASN B 134 19.82 -7.50 -23.93
C ASN B 134 20.15 -7.81 -22.48
N GLN B 135 20.18 -6.77 -21.64
CA GLN B 135 20.60 -6.89 -20.24
CA GLN B 135 20.62 -6.92 -20.26
C GLN B 135 19.44 -7.12 -19.25
N ILE B 136 18.21 -7.14 -19.76
CA ILE B 136 17.01 -7.28 -18.95
C ILE B 136 16.23 -8.56 -19.31
N ASP B 137 15.32 -8.98 -18.45
CA ASP B 137 14.49 -10.14 -18.76
C ASP B 137 13.22 -9.75 -19.53
N ALA B 139 10.95 -6.05 -21.12
CA ALA B 139 10.67 -4.66 -21.28
C ALA B 139 9.14 -4.48 -21.16
N LEU B 140 8.71 -3.36 -20.57
CA LEU B 140 7.31 -2.97 -20.41
C LEU B 140 7.05 -1.63 -21.15
N VAL B 141 6.21 -1.69 -22.16
CA VAL B 141 5.81 -0.47 -22.89
C VAL B 141 4.41 -0.19 -22.39
N THR B 143 0.88 1.42 -22.02
CA THR B 143 -0.13 1.80 -22.98
C THR B 143 -1.19 2.75 -22.40
N VAL B 144 -0.98 3.21 -21.18
CA VAL B 144 -1.72 4.35 -20.61
C VAL B 144 -0.69 5.17 -19.79
N GLU B 145 -1.06 6.37 -19.38
CA GLU B 145 -0.23 7.15 -18.48
C GLU B 145 -0.52 6.60 -17.06
N PRO B 146 0.52 6.17 -16.32
CA PRO B 146 0.31 5.55 -15.03
C PRO B 146 -0.12 6.52 -13.95
N GLY B 147 -0.89 6.01 -13.00
CA GLY B 147 -1.36 6.79 -11.86
C GLY B 147 -2.74 7.39 -11.94
N PHE B 148 -3.32 7.42 -13.13
CA PHE B 148 -4.64 8.01 -13.29
C PHE B 148 -5.68 6.92 -13.51
N GLY B 149 -6.84 7.07 -12.89
CA GLY B 149 -7.90 6.11 -13.14
C GLY B 149 -8.57 6.24 -14.52
N GLY B 150 -9.03 5.11 -15.05
CA GLY B 150 -9.87 5.09 -16.24
C GLY B 150 -9.28 5.71 -17.50
N GLN B 151 -8.05 5.36 -17.82
CA GLN B 151 -7.38 5.86 -19.03
C GLN B 151 -7.61 4.95 -20.24
N LYS B 152 -7.89 5.53 -21.41
CA LYS B 152 -8.10 4.76 -22.63
C LYS B 152 -6.80 4.13 -23.09
N PHE B 153 -6.91 2.93 -23.66
CA PHE B 153 -5.77 2.32 -24.33
C PHE B 153 -5.30 3.25 -25.44
N GLU B 155 -3.57 3.45 -28.74
CA GLU B 155 -3.14 2.84 -29.98
C GLU B 155 -1.80 3.36 -30.46
N ASP B 156 -1.49 4.63 -30.17
CA ASP B 156 -0.26 5.24 -30.71
CA ASP B 156 -0.27 5.26 -30.69
C ASP B 156 1.01 4.72 -30.02
N PRO B 159 3.57 1.51 -32.32
CA PRO B 159 4.88 1.57 -32.98
C PRO B 159 6.07 1.36 -32.04
N LYS B 160 5.97 1.68 -30.76
CA LYS B 160 7.06 1.38 -29.85
C LYS B 160 7.24 -0.15 -29.68
N VAL B 161 6.13 -0.87 -29.57
CA VAL B 161 6.18 -2.33 -29.40
C VAL B 161 6.79 -2.98 -30.63
N HIS B 162 6.39 -2.51 -31.81
CA HIS B 162 6.84 -3.09 -33.06
C HIS B 162 8.32 -2.84 -33.31
N TRP B 163 8.77 -1.64 -32.95
CA TRP B 163 10.18 -1.27 -33.12
C TRP B 163 11.01 -2.18 -32.22
N LEU B 164 10.55 -2.36 -30.98
CA LEU B 164 11.24 -3.27 -30.05
C LEU B 164 11.30 -4.68 -30.58
N ARG B 165 10.20 -5.21 -31.07
CA ARG B 165 10.16 -6.59 -31.55
C ARG B 165 11.08 -6.78 -32.77
N THR B 166 11.15 -5.77 -33.63
CA THR B 166 11.96 -5.82 -34.82
C THR B 166 13.44 -5.80 -34.42
N GLN B 167 13.82 -4.88 -33.53
CA GLN B 167 15.22 -4.75 -33.13
C GLN B 167 15.70 -5.88 -32.21
N PHE B 168 14.78 -6.44 -31.43
CA PHE B 168 15.14 -7.44 -30.44
C PHE B 168 14.19 -8.62 -30.53
N PRO B 169 14.41 -9.50 -31.52
CA PRO B 169 13.45 -10.63 -31.68
C PRO B 169 13.34 -11.58 -30.50
N SER B 170 14.36 -11.62 -29.64
CA SER B 170 14.34 -12.58 -28.49
C SER B 170 13.91 -11.95 -27.15
N LEU B 171 13.55 -10.66 -27.15
CA LEU B 171 13.14 -9.90 -25.94
C LEU B 171 11.65 -10.13 -25.60
N ASP B 172 11.35 -10.32 -24.33
CA ASP B 172 10.00 -10.47 -23.87
C ASP B 172 9.48 -9.04 -23.66
N ILE B 173 8.35 -8.74 -24.29
CA ILE B 173 7.81 -7.41 -24.33
C ILE B 173 6.42 -7.40 -23.72
N GLU B 174 6.27 -6.61 -22.66
CA GLU B 174 5.02 -6.44 -21.94
C GLU B 174 4.31 -5.15 -22.30
N VAL B 175 2.96 -5.23 -22.35
CA VAL B 175 2.08 -4.07 -22.52
C VAL B 175 1.21 -4.02 -21.27
N ASP B 176 0.95 -2.82 -20.79
CA ASP B 176 0.23 -2.59 -19.52
C ASP B 176 -0.53 -1.30 -19.64
N GLY B 177 -1.86 -1.37 -19.65
CA GLY B 177 -2.70 -0.19 -19.64
C GLY B 177 -3.90 -0.30 -20.56
N GLY B 178 -5.07 -0.52 -19.99
CA GLY B 178 -6.31 -0.72 -20.75
C GLY B 178 -6.26 -1.85 -21.74
N VAL B 179 -5.46 -2.89 -21.47
CA VAL B 179 -5.38 -4.00 -22.38
C VAL B 179 -6.48 -4.99 -22.03
N GLY B 180 -7.20 -5.43 -23.04
CA GLY B 180 -8.29 -6.39 -22.88
C GLY B 180 -8.63 -7.03 -24.20
N PRO B 181 -9.68 -7.85 -24.23
CA PRO B 181 -10.07 -8.59 -25.43
C PRO B 181 -10.18 -7.75 -26.68
N ASP B 182 -10.55 -6.48 -26.52
CA ASP B 182 -10.77 -5.58 -27.66
C ASP B 182 -9.51 -4.90 -28.15
N THR B 183 -8.44 -4.91 -27.35
CA THR B 183 -7.21 -4.26 -27.72
C THR B 183 -6.05 -5.22 -27.86
N VAL B 184 -6.22 -6.47 -27.39
CA VAL B 184 -5.17 -7.48 -27.44
C VAL B 184 -4.68 -7.83 -28.85
N HIS B 185 -5.55 -7.80 -29.86
CA HIS B 185 -5.16 -8.09 -31.25
CA HIS B 185 -5.10 -8.12 -31.21
C HIS B 185 -4.07 -7.08 -31.67
N LYS B 186 -4.31 -5.81 -31.36
CA LYS B 186 -3.37 -4.75 -31.73
C LYS B 186 -2.02 -4.93 -31.04
N CYS B 187 -2.05 -5.34 -29.78
CA CYS B 187 -0.80 -5.55 -29.02
C CYS B 187 0.02 -6.73 -29.51
N ALA B 188 -0.66 -7.80 -29.88
CA ALA B 188 -0.03 -9.01 -30.38
C ALA B 188 0.57 -8.75 -31.76
N GLU B 189 -0.24 -8.17 -32.64
CA GLU B 189 0.21 -7.93 -34.00
CA GLU B 189 0.22 -7.93 -34.00
C GLU B 189 1.45 -7.04 -33.98
N ALA B 190 1.46 -6.05 -33.08
CA ALA B 190 2.60 -5.14 -32.91
C ALA B 190 3.84 -5.87 -32.40
N GLY B 191 3.65 -6.93 -31.63
CA GLY B 191 4.78 -7.75 -31.18
C GLY B 191 4.83 -8.16 -29.71
N ALA B 192 3.89 -7.70 -28.90
CA ALA B 192 3.91 -7.98 -27.45
C ALA B 192 3.58 -9.43 -27.20
N ASN B 193 4.31 -10.03 -26.27
CA ASN B 193 4.06 -11.41 -25.86
C ASN B 193 3.72 -11.60 -24.35
N ILE B 195 1.14 -10.02 -21.54
CA ILE B 195 -0.07 -9.22 -21.57
C ILE B 195 -0.62 -9.04 -20.20
N VAL B 196 -0.63 -7.80 -19.71
CA VAL B 196 -1.25 -7.47 -18.45
C VAL B 196 -2.64 -6.91 -18.72
N SER B 197 -3.62 -7.47 -18.05
CA SER B 197 -4.98 -7.00 -18.12
C SER B 197 -5.60 -6.99 -16.73
N GLY B 198 -6.49 -6.03 -16.51
CA GLY B 198 -7.16 -5.83 -15.21
C GLY B 198 -8.64 -6.19 -15.14
N SER B 199 -9.50 -5.17 -15.21
CA SER B 199 -10.97 -5.37 -15.08
C SER B 199 -11.53 -6.42 -16.02
N ALA B 200 -11.09 -6.38 -17.28
CA ALA B 200 -11.56 -7.33 -18.28
C ALA B 200 -11.48 -8.78 -17.77
N ILE B 201 -10.43 -9.10 -17.01
CA ILE B 201 -10.31 -10.42 -16.35
C ILE B 201 -10.99 -10.45 -14.96
N ARG B 203 -13.33 -8.55 -13.23
CA ARG B 203 -14.78 -8.47 -13.10
C ARG B 203 -15.53 -9.43 -14.06
N SER B 204 -14.85 -10.41 -14.66
CA SER B 204 -15.53 -11.40 -15.51
C SER B 204 -16.17 -12.50 -14.67
N GLU B 205 -17.18 -13.14 -15.24
CA GLU B 205 -17.81 -14.30 -14.62
C GLU B 205 -17.02 -15.58 -14.97
N ASP B 206 -16.25 -15.54 -16.08
CA ASP B 206 -15.48 -16.70 -16.59
C ASP B 206 -14.03 -16.24 -16.86
N PRO B 207 -13.29 -15.80 -15.81
CA PRO B 207 -11.92 -15.31 -15.97
C PRO B 207 -10.91 -16.27 -16.66
N ARG B 208 -11.18 -17.57 -16.64
CA ARG B 208 -10.36 -18.56 -17.33
C ARG B 208 -10.59 -18.35 -18.82
N SER B 209 -11.86 -18.13 -19.17
CA SER B 209 -12.22 -17.87 -20.55
C SER B 209 -11.53 -16.62 -21.10
N VAL B 210 -11.50 -15.56 -20.31
CA VAL B 210 -10.86 -14.31 -20.73
C VAL B 210 -9.34 -14.45 -20.79
N ILE B 211 -8.75 -15.21 -19.88
CA ILE B 211 -7.30 -15.40 -19.91
C ILE B 211 -6.93 -16.25 -21.14
N ASN B 212 -7.73 -17.26 -21.44
CA ASN B 212 -7.49 -18.13 -22.55
C ASN B 212 -7.58 -17.33 -23.86
N LEU B 213 -8.65 -16.52 -23.99
CA LEU B 213 -8.83 -15.63 -25.14
C LEU B 213 -7.62 -14.73 -25.32
N LEU B 214 -7.17 -14.04 -24.27
CA LEU B 214 -5.98 -13.18 -24.38
C LEU B 214 -4.71 -13.93 -24.85
N ARG B 215 -4.44 -15.11 -24.29
CA ARG B 215 -3.27 -15.91 -24.65
CA ARG B 215 -3.27 -15.91 -24.66
C ARG B 215 -3.43 -16.41 -26.08
N ASN B 216 -4.63 -16.88 -26.42
CA ASN B 216 -4.86 -17.42 -27.74
C ASN B 216 -4.69 -16.36 -28.83
N VAL B 217 -5.18 -15.13 -28.61
CA VAL B 217 -5.02 -14.06 -29.60
C VAL B 217 -3.54 -13.74 -29.72
N CYS B 218 -2.87 -13.68 -28.59
CA CYS B 218 -1.45 -13.42 -28.57
C CYS B 218 -0.64 -14.50 -29.32
N SER B 219 -1.00 -15.77 -29.17
CA SER B 219 -0.28 -16.87 -29.87
C SER B 219 -0.45 -16.84 -31.37
N GLU B 220 -1.66 -16.55 -31.84
CA GLU B 220 -1.94 -16.47 -33.26
C GLU B 220 -1.02 -15.44 -33.92
N ALA B 221 -0.73 -14.34 -33.23
CA ALA B 221 0.21 -13.35 -33.74
C ALA B 221 1.65 -13.92 -33.68
N ALA B 222 2.02 -14.47 -32.51
CA ALA B 222 3.37 -15.02 -32.27
C ALA B 222 3.77 -16.11 -33.25
N GLN B 223 2.82 -16.99 -33.62
CA GLN B 223 3.03 -18.04 -34.64
C GLN B 223 3.44 -17.47 -36.00
N LYS B 224 2.89 -16.30 -36.37
CA LYS B 224 3.19 -15.72 -37.69
C LYS B 224 4.58 -15.05 -37.72
N ARG B 225 5.19 -14.84 -36.56
CA ARG B 225 6.53 -14.22 -36.48
C ARG B 225 7.66 -15.26 -36.61
#